data_8SA6
#
_entry.id   8SA6
#
_cell.length_a   1.00
_cell.length_b   1.00
_cell.length_c   1.00
_cell.angle_alpha   90.00
_cell.angle_beta   90.00
_cell.angle_gamma   90.00
#
_symmetry.space_group_name_H-M   'P 1'
#
_entity_poly.entity_id   1
_entity_poly.type   'polyribonucleotide'
_entity_poly.pdbx_seq_one_letter_code
;GGUUAAAGCCUUAUGGUCGCUACCAUUGCACUCCGGUAGCGUUAAAAGGGAAGACGGGUGAGAAUCCCGCGCAGCCCCCG
CUACUGUGAGGGAGGACGAAGCCCUAGUAAGCCACUGCCGAAAGGUGGGAAGGCAGGGUGGAGGAUGAGUCCCGAGCCAG
GAGACCUGCCAUAAGGUUUUAGAAGUUCGCCUUCGGGGGGAAGGUGAACA
;
_entity_poly.pdbx_strand_id   A,B
#
loop_
_chem_comp.id
_chem_comp.type
_chem_comp.name
_chem_comp.formula
A RNA linking ADENOSINE-5'-MONOPHOSPHATE 'C10 H14 N5 O7 P'
C RNA linking CYTIDINE-5'-MONOPHOSPHATE 'C9 H14 N3 O8 P'
G RNA linking GUANOSINE-5'-MONOPHOSPHATE 'C10 H14 N5 O8 P'
U RNA linking URIDINE-5'-MONOPHOSPHATE 'C9 H13 N2 O9 P'
#